data_4INN
#
_entry.id   4INN
#
_cell.length_a   34.240
_cell.length_b   79.150
_cell.length_c   131.670
_cell.angle_alpha   90.00
_cell.angle_beta   90.00
_cell.angle_gamma   90.00
#
_symmetry.space_group_name_H-M   'P 21 21 21'
#
loop_
_entity.id
_entity.type
_entity.pdbx_description
1 polymer HP1028
2 non-polymer 3,6,9,12,15,18-HEXAOXAICOSANE-1,20-DIOL
3 water water
#
_entity_poly.entity_id   1
_entity_poly.type   'polypeptide(L)'
_entity_poly.pdbx_seq_one_letter_code
;(MSE)HHHHHHGKPIPNPLLGLDSTENLYFQGIDPFTVELPGIYQTQEFLY(MSE)KSSFVEFFEHNGKFYAYGISDVDG
SKAKKDKLNPNPKLRNRSDKGVVFLSDLIKVGKRSYKGGKAYNFYDGKTYYVRVAQNSNGDLEFTSSYDKWGY(MSE)GK
TFTWKRLSDEEIKNLKLKRFNLDEVLKTIK
;
_entity_poly.pdbx_strand_id   A,B
#
loop_
_chem_comp.id
_chem_comp.type
_chem_comp.name
_chem_comp.formula
P33 non-polymer 3,6,9,12,15,18-HEXAOXAICOSANE-1,20-DIOL 'C14 H30 O8'
#
# COMPACT_ATOMS: atom_id res chain seq x y z
N THR A 33 19.67 -21.65 -17.91
CA THR A 33 18.51 -20.74 -17.64
C THR A 33 18.37 -20.41 -16.14
N VAL A 34 17.60 -19.35 -15.87
CA VAL A 34 17.24 -18.96 -14.51
C VAL A 34 15.95 -19.66 -14.07
N GLU A 35 15.91 -20.00 -12.79
CA GLU A 35 14.73 -20.57 -12.20
C GLU A 35 14.50 -19.92 -10.85
N LEU A 36 13.31 -20.11 -10.31
CA LEU A 36 12.94 -19.48 -9.05
C LEU A 36 13.54 -20.27 -7.89
N PRO A 37 13.49 -21.61 -7.90
CA PRO A 37 14.08 -22.24 -6.72
C PRO A 37 15.53 -21.83 -6.48
N GLY A 38 15.83 -21.54 -5.23
CA GLY A 38 17.05 -20.90 -4.87
C GLY A 38 16.92 -20.18 -3.53
N ILE A 39 18.02 -19.62 -3.09
CA ILE A 39 18.06 -18.85 -1.89
C ILE A 39 18.28 -17.37 -2.25
N TYR A 40 17.55 -16.50 -1.57
CA TYR A 40 17.60 -15.09 -1.85
C TYR A 40 17.75 -14.35 -0.55
N GLN A 41 18.15 -13.11 -0.66
CA GLN A 41 18.27 -12.25 0.52
C GLN A 41 17.27 -11.14 0.36
N THR A 42 16.34 -11.04 1.31
CA THR A 42 15.30 -10.04 1.23
C THR A 42 15.82 -8.64 1.54
N GLN A 43 14.95 -7.66 1.34
CA GLN A 43 15.31 -6.27 1.47
C GLN A 43 14.78 -5.80 2.79
N GLU A 44 15.65 -5.22 3.57
CA GLU A 44 15.27 -4.50 4.77
C GLU A 44 14.18 -3.46 4.44
N PHE A 45 13.13 -3.42 5.28
CA PHE A 45 12.07 -2.43 5.17
C PHE A 45 11.42 -2.25 6.52
N LEU A 46 11.47 -1.02 7.04
CA LEU A 46 11.02 -0.67 8.41
C LEU A 46 11.60 -1.60 9.48
N TYR A 47 10.74 -2.17 10.33
CA TYR A 47 11.15 -3.08 11.39
C TYR A 47 11.31 -4.51 10.88
N MSE A 48 11.18 -4.71 9.57
CA MSE A 48 11.34 -6.03 8.96
C MSE A 48 12.74 -6.13 8.44
O MSE A 48 13.10 -5.47 7.46
CB MSE A 48 10.30 -6.27 7.87
CG MSE A 48 8.89 -5.88 8.36
SE MSE A 48 7.59 -5.68 6.88
CE MSE A 48 8.18 -7.37 6.06
N LYS A 49 13.53 -6.96 9.09
CA LYS A 49 14.94 -7.15 8.76
C LYS A 49 15.18 -8.00 7.53
N SER A 50 16.23 -7.66 6.82
CA SER A 50 16.79 -8.52 5.81
C SER A 50 16.87 -9.97 6.33
N SER A 51 16.38 -10.91 5.54
CA SER A 51 16.47 -12.32 5.91
C SER A 51 16.79 -13.15 4.70
N PHE A 52 17.28 -14.35 4.95
CA PHE A 52 17.59 -15.29 3.88
C PHE A 52 16.40 -16.23 3.82
N VAL A 53 15.89 -16.42 2.60
CA VAL A 53 14.75 -17.28 2.34
C VAL A 53 14.99 -18.22 1.18
N GLU A 54 14.39 -19.40 1.24
CA GLU A 54 14.46 -20.37 0.15
C GLU A 54 13.14 -20.60 -0.56
N PHE A 55 13.15 -20.47 -1.88
CA PHE A 55 11.98 -20.80 -2.71
C PHE A 55 12.12 -22.26 -3.18
N PHE A 56 11.02 -22.99 -3.24
CA PHE A 56 11.01 -24.36 -3.81
C PHE A 56 9.70 -24.66 -4.53
N GLU A 57 9.66 -25.63 -5.46
CA GLU A 57 8.37 -26.04 -6.09
C GLU A 57 7.80 -27.29 -5.50
N HIS A 58 6.49 -27.43 -5.56
CA HIS A 58 5.83 -28.64 -5.12
C HIS A 58 4.47 -28.70 -5.78
N ASN A 59 4.15 -29.82 -6.41
CA ASN A 59 2.91 -30.01 -7.14
C ASN A 59 2.68 -28.89 -8.14
N GLY A 60 3.81 -28.48 -8.76
CA GLY A 60 3.81 -27.45 -9.81
C GLY A 60 3.76 -25.98 -9.41
N LYS A 61 3.59 -25.67 -8.12
CA LYS A 61 3.57 -24.28 -7.66
C LYS A 61 4.77 -24.02 -6.78
N PHE A 62 5.07 -22.74 -6.58
CA PHE A 62 6.26 -22.32 -5.83
C PHE A 62 5.90 -21.79 -4.46
N TYR A 63 6.79 -22.08 -3.51
CA TYR A 63 6.59 -21.76 -2.12
C TYR A 63 7.89 -21.18 -1.58
N ALA A 64 7.87 -20.57 -0.39
CA ALA A 64 9.10 -20.17 0.28
C ALA A 64 9.02 -20.29 1.81
N TYR A 65 10.17 -20.55 2.44
CA TYR A 65 10.29 -20.57 3.91
C TYR A 65 11.52 -19.76 4.33
N GLY A 66 11.62 -19.37 5.58
CA GLY A 66 12.72 -18.51 6.04
C GLY A 66 13.83 -19.35 6.64
N ILE A 67 15.08 -18.98 6.40
CA ILE A 67 16.20 -19.74 6.89
C ILE A 67 16.73 -19.07 8.16
N SER A 68 17.18 -17.82 8.03
CA SER A 68 17.65 -17.01 9.16
C SER A 68 17.70 -15.55 8.74
N ASP A 69 17.85 -14.68 9.73
CA ASP A 69 18.07 -13.28 9.49
C ASP A 69 19.52 -13.09 9.16
N VAL A 70 19.78 -12.05 8.39
CA VAL A 70 21.11 -11.74 7.93
C VAL A 70 22.09 -11.58 9.08
N ASP A 71 21.63 -11.01 10.18
CA ASP A 71 22.50 -10.71 11.32
C ASP A 71 22.68 -11.91 12.26
N GLY A 72 22.33 -13.12 11.80
CA GLY A 72 22.52 -14.34 12.57
C GLY A 72 21.59 -14.59 13.74
N SER A 73 20.66 -13.66 14.02
CA SER A 73 19.89 -13.73 15.26
C SER A 73 19.02 -14.99 15.33
N LYS A 74 18.57 -15.29 16.54
CA LYS A 74 17.86 -16.53 16.81
C LYS A 74 16.43 -16.42 16.30
N ALA A 75 15.92 -17.55 15.81
CA ALA A 75 14.55 -17.71 15.41
C ALA A 75 13.61 -17.50 16.59
N LYS A 76 12.52 -16.79 16.34
CA LYS A 76 11.57 -16.45 17.37
C LYS A 76 10.23 -17.10 17.07
N LYS A 77 9.26 -16.92 17.94
CA LYS A 77 7.97 -17.57 17.79
C LYS A 77 7.01 -16.69 17.01
N ASP A 78 5.99 -17.33 16.43
CA ASP A 78 5.01 -16.62 15.65
C ASP A 78 3.88 -16.01 16.53
N LYS A 79 4.24 -15.03 17.34
CA LYS A 79 3.37 -14.55 18.38
C LYS A 79 2.14 -13.83 17.88
N LEU A 80 2.22 -13.22 16.69
CA LEU A 80 1.14 -12.40 16.15
C LEU A 80 0.19 -13.18 15.27
N ASN A 81 0.34 -14.50 15.17
CA ASN A 81 -0.56 -15.28 14.32
C ASN A 81 -1.96 -15.01 14.82
N PRO A 82 -2.86 -14.55 13.93
CA PRO A 82 -4.30 -14.49 14.24
C PRO A 82 -4.81 -15.77 14.89
N ASN A 83 -4.34 -16.92 14.43
CA ASN A 83 -4.72 -18.21 15.00
C ASN A 83 -3.92 -18.61 16.26
N PRO A 84 -4.55 -18.57 17.45
CA PRO A 84 -3.83 -18.87 18.71
C PRO A 84 -3.05 -20.19 18.74
N LYS A 85 -3.57 -21.20 18.03
CA LYS A 85 -2.95 -22.52 18.01
C LYS A 85 -1.69 -22.58 17.14
N LEU A 86 -1.34 -21.45 16.50
CA LEU A 86 -0.15 -21.36 15.63
C LEU A 86 0.95 -20.51 16.26
N ARG A 87 0.68 -19.87 17.40
CA ARG A 87 1.60 -18.90 17.96
C ARG A 87 2.90 -19.46 18.55
N ASN A 88 3.00 -20.79 18.51
CA ASN A 88 4.11 -21.55 19.10
C ASN A 88 5.19 -21.93 18.09
N ARG A 89 4.85 -21.95 16.80
CA ARG A 89 5.78 -22.31 15.74
C ARG A 89 6.84 -21.24 15.53
N SER A 90 7.97 -21.67 14.98
CA SER A 90 9.11 -20.80 14.69
C SER A 90 8.81 -19.92 13.49
N ASP A 91 9.54 -18.83 13.36
CA ASP A 91 9.49 -18.08 12.11
C ASP A 91 10.51 -18.58 11.07
N LYS A 92 11.24 -19.64 11.40
CA LYS A 92 12.23 -20.21 10.52
C LYS A 92 11.91 -21.66 10.27
N GLY A 93 12.05 -22.09 9.02
CA GLY A 93 11.77 -23.49 8.65
C GLY A 93 10.31 -23.67 8.30
N VAL A 94 9.58 -22.57 8.28
CA VAL A 94 8.17 -22.57 8.09
C VAL A 94 7.79 -21.78 6.83
N VAL A 95 6.84 -22.32 6.10
CA VAL A 95 6.33 -21.74 4.88
C VAL A 95 5.55 -20.50 5.16
N PHE A 96 6.03 -19.38 4.62
CA PHE A 96 5.31 -18.11 4.70
C PHE A 96 4.75 -17.69 3.34
N LEU A 97 5.21 -18.31 2.27
CA LEU A 97 4.75 -17.98 0.92
C LEU A 97 4.31 -19.24 0.22
N SER A 98 3.14 -19.19 -0.38
CA SER A 98 2.59 -20.35 -1.06
C SER A 98 1.80 -19.93 -2.29
N ASP A 99 1.63 -20.90 -3.19
CA ASP A 99 0.70 -20.92 -4.31
C ASP A 99 1.11 -20.06 -5.49
N LEU A 100 2.41 -19.78 -5.61
CA LEU A 100 2.89 -19.00 -6.77
C LEU A 100 2.89 -19.85 -8.03
N ILE A 101 2.24 -19.36 -9.08
CA ILE A 101 2.17 -20.04 -10.36
C ILE A 101 3.05 -19.31 -11.36
N LYS A 102 3.87 -20.06 -12.07
CA LYS A 102 4.61 -19.57 -13.23
C LYS A 102 3.64 -19.28 -14.38
N VAL A 103 3.58 -18.03 -14.84
CA VAL A 103 2.75 -17.63 -15.99
C VAL A 103 3.53 -17.24 -17.26
N GLY A 104 4.83 -16.98 -17.11
CA GLY A 104 5.72 -16.66 -18.24
C GLY A 104 7.11 -17.14 -17.87
N LYS A 105 8.06 -17.01 -18.79
CA LYS A 105 9.38 -17.63 -18.61
C LYS A 105 10.08 -17.11 -17.31
N ARG A 106 9.81 -15.86 -16.93
CA ARG A 106 10.32 -15.32 -15.68
C ARG A 106 9.25 -14.66 -14.84
N SER A 107 8.04 -15.20 -14.84
CA SER A 107 6.96 -14.43 -14.28
C SER A 107 6.04 -15.29 -13.50
N TYR A 108 5.67 -14.80 -12.32
CA TYR A 108 4.90 -15.63 -11.35
C TYR A 108 3.79 -14.82 -10.72
N LYS A 109 2.65 -15.45 -10.44
CA LYS A 109 1.51 -14.78 -9.77
C LYS A 109 0.72 -15.69 -8.85
N GLY A 110 -0.22 -15.10 -8.16
CA GLY A 110 -1.18 -15.85 -7.38
C GLY A 110 -0.74 -16.24 -6.00
N GLY A 111 0.41 -15.72 -5.56
CA GLY A 111 0.98 -16.14 -4.28
C GLY A 111 0.36 -15.42 -3.10
N LYS A 112 0.54 -15.99 -1.92
CA LYS A 112 0.12 -15.36 -0.69
C LYS A 112 1.21 -15.49 0.35
N ALA A 113 1.63 -14.37 0.92
CA ALA A 113 2.68 -14.33 1.91
C ALA A 113 2.18 -13.97 3.30
N TYR A 114 2.37 -14.87 4.26
CA TYR A 114 2.18 -14.49 5.65
C TYR A 114 3.37 -13.67 6.11
N ASN A 115 3.12 -12.65 6.91
CA ASN A 115 4.19 -11.80 7.46
C ASN A 115 4.29 -11.85 8.98
N PHE A 116 5.36 -12.45 9.50
CA PHE A 116 5.55 -12.72 10.93
C PHE A 116 5.61 -11.45 11.77
N TYR A 117 6.12 -10.37 11.18
CA TYR A 117 6.23 -9.07 11.86
C TYR A 117 4.93 -8.34 12.09
N ASP A 118 3.81 -8.81 11.53
CA ASP A 118 2.53 -8.13 11.76
C ASP A 118 1.30 -9.03 11.76
N GLY A 119 1.45 -10.29 11.35
CA GLY A 119 0.38 -11.27 11.42
C GLY A 119 -0.58 -11.26 10.24
N LYS A 120 -0.25 -10.45 9.24
CA LYS A 120 -1.10 -10.28 8.06
C LYS A 120 -0.58 -11.04 6.85
N THR A 121 -1.52 -11.40 5.98
CA THR A 121 -1.25 -12.15 4.77
C THR A 121 -1.39 -11.17 3.61
N TYR A 122 -0.48 -11.25 2.63
CA TYR A 122 -0.46 -10.31 1.52
C TYR A 122 -0.45 -11.11 0.24
N TYR A 123 -1.05 -10.56 -0.82
CA TYR A 123 -0.96 -11.17 -2.12
C TYR A 123 0.41 -10.84 -2.70
N VAL A 124 1.03 -11.81 -3.37
CA VAL A 124 2.38 -11.68 -3.87
C VAL A 124 2.45 -12.04 -5.36
N ARG A 125 3.15 -11.19 -6.13
CA ARG A 125 3.63 -11.59 -7.48
C ARG A 125 5.14 -11.30 -7.63
N VAL A 126 5.77 -12.01 -8.57
CA VAL A 126 7.20 -11.98 -8.70
C VAL A 126 7.59 -11.96 -10.19
N ALA A 127 8.55 -11.09 -10.49
CA ALA A 127 9.21 -11.03 -11.78
C ALA A 127 10.69 -11.32 -11.51
N GLN A 128 11.33 -12.22 -12.24
CA GLN A 128 12.73 -12.54 -12.00
C GLN A 128 13.64 -11.93 -13.09
N ASN A 129 14.77 -11.35 -12.67
CA ASN A 129 15.74 -10.76 -13.60
C ASN A 129 16.63 -11.82 -14.17
N SER A 130 17.44 -11.44 -15.15
CA SER A 130 18.27 -12.42 -15.87
C SER A 130 19.45 -12.88 -15.03
N ASN A 131 19.93 -12.06 -14.10
CA ASN A 131 20.92 -12.53 -13.10
C ASN A 131 20.32 -13.37 -11.94
N GLY A 132 18.99 -13.54 -11.96
CA GLY A 132 18.27 -14.36 -11.00
C GLY A 132 17.54 -13.59 -9.91
N ASP A 133 17.84 -12.29 -9.77
CA ASP A 133 17.29 -11.48 -8.68
C ASP A 133 15.79 -11.35 -8.86
N LEU A 134 15.06 -11.12 -7.77
CA LEU A 134 13.63 -11.01 -7.85
C LEU A 134 13.20 -9.59 -7.61
N GLU A 135 12.18 -9.19 -8.36
CA GLU A 135 11.39 -8.02 -8.03
C GLU A 135 10.13 -8.57 -7.40
N PHE A 136 10.00 -8.40 -6.08
CA PHE A 136 9.01 -9.10 -5.28
C PHE A 136 7.94 -8.09 -4.85
N THR A 137 6.74 -8.25 -5.38
CA THR A 137 5.69 -7.26 -5.20
C THR A 137 4.68 -7.73 -4.19
N SER A 138 4.61 -7.01 -3.08
CA SER A 138 3.73 -7.35 -1.97
C SER A 138 2.55 -6.35 -1.82
N SER A 139 1.33 -6.86 -1.74
CA SER A 139 0.12 -6.03 -1.90
C SER A 139 -1.11 -6.48 -1.12
N TYR A 140 -2.17 -5.66 -1.24
CA TYR A 140 -3.40 -5.80 -0.48
C TYR A 140 -4.70 -6.49 -1.00
N ASP A 141 -5.26 -6.50 -2.23
CA ASP A 141 -4.86 -6.22 -3.62
C ASP A 141 -4.37 -7.46 -4.42
N LYS A 142 -5.32 -8.28 -4.83
CA LYS A 142 -5.05 -9.41 -5.73
C LYS A 142 -4.18 -9.05 -6.95
N TRP A 143 -4.41 -7.88 -7.58
CA TRP A 143 -3.70 -7.55 -8.84
C TRP A 143 -2.32 -6.90 -8.65
N GLY A 144 -1.96 -6.53 -7.43
CA GLY A 144 -0.64 -5.97 -7.19
C GLY A 144 -0.48 -4.45 -7.24
N TYR A 145 -1.53 -3.71 -7.63
CA TYR A 145 -1.49 -2.21 -7.73
C TYR A 145 -1.48 -1.38 -6.43
N MSE A 146 -1.93 -1.97 -5.32
CA MSE A 146 -1.99 -1.28 -4.06
C MSE A 146 -1.04 -1.99 -3.15
O MSE A 146 -1.41 -2.50 -2.08
CB MSE A 146 -3.41 -1.25 -3.51
CG MSE A 146 -4.23 -0.08 -4.08
SE MSE A 146 -6.11 -0.64 -4.00
CE MSE A 146 -6.58 0.17 -2.25
N GLY A 147 0.22 -2.01 -3.60
CA GLY A 147 1.30 -2.70 -2.91
C GLY A 147 2.63 -2.06 -3.22
N LYS A 148 3.71 -2.77 -2.91
CA LYS A 148 5.08 -2.25 -3.04
C LYS A 148 6.00 -3.30 -3.62
N THR A 149 7.07 -2.87 -4.25
CA THR A 149 7.97 -3.81 -4.93
C THR A 149 9.33 -3.70 -4.28
N PHE A 150 9.93 -4.85 -3.98
CA PHE A 150 11.23 -4.90 -3.31
C PHE A 150 12.19 -5.70 -4.17
N THR A 151 13.48 -5.54 -3.96
CA THR A 151 14.36 -6.44 -4.68
C THR A 151 15.15 -7.41 -3.78
N TRP A 152 15.00 -8.70 -4.10
CA TRP A 152 15.57 -9.80 -3.34
C TRP A 152 16.72 -10.38 -4.16
N LYS A 153 17.96 -10.31 -3.63
CA LYS A 153 19.12 -10.77 -4.38
C LYS A 153 19.20 -12.27 -4.35
N ARG A 154 19.49 -12.87 -5.49
CA ARG A 154 19.80 -14.27 -5.54
C ARG A 154 21.21 -14.54 -5.04
N LEU A 155 21.37 -15.55 -4.21
CA LEU A 155 22.69 -15.99 -3.80
C LEU A 155 23.22 -17.10 -4.69
N SER A 156 24.49 -17.05 -4.97
CA SER A 156 25.18 -18.11 -5.66
C SER A 156 25.47 -19.24 -4.65
N ASP A 157 25.82 -20.40 -5.17
CA ASP A 157 26.20 -21.54 -4.34
C ASP A 157 27.43 -21.27 -3.48
N GLU A 158 28.27 -20.36 -3.94
CA GLU A 158 29.45 -19.99 -3.18
C GLU A 158 29.09 -19.13 -1.97
N GLU A 159 28.13 -18.24 -2.11
CA GLU A 159 27.77 -17.37 -0.99
C GLU A 159 27.01 -18.19 0.01
N ILE A 160 26.10 -19.04 -0.48
CA ILE A 160 25.31 -19.86 0.42
C ILE A 160 26.23 -20.68 1.30
N LYS A 161 27.29 -21.22 0.68
CA LYS A 161 28.28 -22.06 1.33
C LYS A 161 29.04 -21.29 2.43
N ASN A 162 29.46 -20.08 2.10
CA ASN A 162 30.26 -19.25 2.99
C ASN A 162 29.47 -18.63 4.14
N LEU A 163 28.17 -18.49 3.98
CA LEU A 163 27.32 -17.95 5.03
C LEU A 163 26.92 -19.08 5.97
N LYS A 164 27.28 -20.31 5.59
CA LYS A 164 26.95 -21.53 6.32
C LYS A 164 25.43 -21.72 6.49
N LEU A 165 24.69 -21.28 5.48
CA LEU A 165 23.23 -21.30 5.58
C LEU A 165 22.79 -22.72 5.64
N LYS A 166 21.87 -22.98 6.56
CA LYS A 166 21.19 -24.25 6.67
C LYS A 166 20.02 -24.41 5.72
N ARG A 167 20.11 -25.42 4.86
CA ARG A 167 19.01 -25.83 3.99
C ARG A 167 18.21 -26.93 4.71
N PHE A 168 16.98 -26.59 5.07
CA PHE A 168 16.06 -27.42 5.84
C PHE A 168 15.51 -28.51 4.96
N ASN A 169 15.21 -29.68 5.50
CA ASN A 169 14.60 -30.66 4.61
C ASN A 169 13.14 -30.30 4.32
N LEU A 170 12.76 -30.64 3.11
CA LEU A 170 11.60 -30.04 2.49
C LEU A 170 10.34 -30.78 2.73
N ASP A 171 10.43 -32.08 2.98
CA ASP A 171 9.25 -32.84 3.40
C ASP A 171 8.73 -32.29 4.73
N GLU A 172 9.65 -32.02 5.65
CA GLU A 172 9.30 -31.52 6.96
C GLU A 172 8.74 -30.11 6.84
N VAL A 173 9.40 -29.28 6.03
CA VAL A 173 8.92 -27.93 5.71
C VAL A 173 7.55 -27.93 5.06
N LEU A 174 7.30 -28.86 4.16
CA LEU A 174 5.93 -29.04 3.59
C LEU A 174 4.81 -29.33 4.62
N LYS A 175 5.07 -30.15 5.64
CA LYS A 175 4.06 -30.45 6.68
C LYS A 175 3.61 -29.17 7.39
N THR A 176 4.39 -28.14 7.20
CA THR A 176 4.23 -26.83 7.82
C THR A 176 3.11 -25.98 7.15
N ILE A 177 2.59 -26.42 6.02
CA ILE A 177 1.41 -25.80 5.42
C ILE A 177 0.18 -26.37 6.16
N LYS A 178 -0.31 -25.60 7.13
CA LYS A 178 -1.36 -26.07 8.04
C LYS A 178 -0.89 -27.26 8.87
N PHE B 32 5.05 36.77 -1.65
CA PHE B 32 3.97 35.82 -2.08
C PHE B 32 4.28 34.34 -1.80
N THR B 33 3.27 33.64 -1.27
CA THR B 33 3.39 32.26 -0.90
C THR B 33 2.23 31.41 -1.46
N VAL B 34 2.56 30.28 -2.02
CA VAL B 34 1.53 29.39 -2.49
C VAL B 34 0.85 28.72 -1.31
N GLU B 35 -0.48 28.65 -1.36
CA GLU B 35 -1.23 28.02 -0.28
C GLU B 35 -2.08 26.84 -0.75
N LEU B 36 -2.47 26.02 0.19
CA LEU B 36 -3.24 24.83 -0.06
C LEU B 36 -4.71 25.11 -0.46
N PRO B 37 -5.40 26.00 0.24
CA PRO B 37 -6.78 26.17 -0.14
C PRO B 37 -6.95 26.43 -1.61
N GLY B 38 -7.93 25.77 -2.23
CA GLY B 38 -8.20 25.98 -3.63
C GLY B 38 -8.82 24.75 -4.24
N ILE B 39 -8.92 24.75 -5.56
CA ILE B 39 -9.56 23.65 -6.26
C ILE B 39 -8.55 22.82 -7.04
N TYR B 40 -8.66 21.49 -6.93
CA TYR B 40 -7.70 20.57 -7.52
C TYR B 40 -8.40 19.45 -8.32
N GLN B 41 -7.65 18.89 -9.27
CA GLN B 41 -8.12 17.75 -10.02
C GLN B 41 -7.32 16.57 -9.50
N THR B 42 -8.02 15.60 -8.94
CA THR B 42 -7.42 14.38 -8.50
C THR B 42 -7.04 13.48 -9.68
N GLN B 43 -6.20 12.50 -9.37
CA GLN B 43 -5.63 11.63 -10.35
C GLN B 43 -6.40 10.31 -10.40
N GLU B 44 -6.84 9.94 -11.60
CA GLU B 44 -7.42 8.61 -11.87
C GLU B 44 -6.57 7.45 -11.33
N PHE B 45 -7.26 6.49 -10.72
CA PHE B 45 -6.64 5.27 -10.25
C PHE B 45 -7.68 4.17 -10.16
N LEU B 46 -7.44 3.07 -10.88
CA LEU B 46 -8.39 1.97 -10.96
C LEU B 46 -9.79 2.53 -11.26
N TYR B 47 -10.79 2.07 -10.50
CA TYR B 47 -12.16 2.59 -10.55
C TYR B 47 -12.42 3.91 -9.77
N MSE B 48 -11.36 4.55 -9.29
CA MSE B 48 -11.51 5.83 -8.62
C MSE B 48 -11.30 6.91 -9.65
O MSE B 48 -10.18 7.22 -10.04
CB MSE B 48 -10.54 5.88 -7.46
CG MSE B 48 -10.79 4.67 -6.55
SE MSE B 48 -9.37 4.47 -5.20
CE MSE B 48 -8.89 6.38 -5.10
N LYS B 49 -12.40 7.44 -10.14
CA LYS B 49 -12.37 8.40 -11.24
C LYS B 49 -11.73 9.73 -10.79
N SER B 50 -11.14 10.41 -11.74
CA SER B 50 -10.74 11.76 -11.57
C SER B 50 -11.94 12.63 -11.09
N SER B 51 -11.72 13.45 -10.07
CA SER B 51 -12.74 14.38 -9.62
C SER B 51 -12.14 15.71 -9.18
N PHE B 52 -13.01 16.70 -9.04
CA PHE B 52 -12.59 18.05 -8.62
C PHE B 52 -12.92 18.21 -7.16
N VAL B 53 -11.92 18.66 -6.38
CA VAL B 53 -12.03 18.76 -4.92
C VAL B 53 -11.54 20.12 -4.41
N GLU B 54 -12.17 20.64 -3.35
CA GLU B 54 -11.79 21.90 -2.76
C GLU B 54 -11.20 21.64 -1.39
N PHE B 55 -9.99 22.15 -1.18
CA PHE B 55 -9.32 22.15 0.12
C PHE B 55 -9.62 23.50 0.79
N PHE B 56 -9.71 23.53 2.13
CA PHE B 56 -9.90 24.81 2.80
C PHE B 56 -9.40 24.64 4.20
N GLU B 57 -9.15 25.75 4.90
CA GLU B 57 -8.77 25.66 6.29
C GLU B 57 -9.97 25.82 7.25
N HIS B 58 -9.86 25.18 8.41
CA HIS B 58 -10.81 25.38 9.52
C HIS B 58 -10.14 25.07 10.85
N ASN B 59 -10.13 26.01 11.78
CA ASN B 59 -9.40 25.89 13.08
C ASN B 59 -7.91 25.62 12.94
N GLY B 60 -7.28 26.26 11.96
CA GLY B 60 -5.84 26.08 11.75
C GLY B 60 -5.43 24.84 10.95
N LYS B 61 -6.34 23.86 10.83
CA LYS B 61 -6.10 22.62 10.10
C LYS B 61 -6.78 22.60 8.70
N PHE B 62 -6.35 21.68 7.84
CA PHE B 62 -6.82 21.63 6.45
C PHE B 62 -7.67 20.41 6.13
N TYR B 63 -8.72 20.65 5.34
CA TYR B 63 -9.75 19.67 5.00
C TYR B 63 -10.05 19.70 3.51
N ALA B 64 -10.73 18.71 2.99
CA ALA B 64 -11.18 18.77 1.60
C ALA B 64 -12.51 18.05 1.39
N TYR B 65 -13.31 18.58 0.47
CA TYR B 65 -14.61 17.99 0.07
C TYR B 65 -14.63 17.86 -1.45
N GLY B 66 -15.48 17.00 -1.99
CA GLY B 66 -15.60 16.77 -3.43
C GLY B 66 -16.72 17.60 -4.01
N ILE B 67 -16.46 18.22 -5.16
CA ILE B 67 -17.42 19.06 -5.86
C ILE B 67 -18.18 18.24 -6.89
N SER B 68 -17.44 17.58 -7.79
CA SER B 68 -18.04 16.79 -8.87
C SER B 68 -16.98 15.92 -9.45
N ASP B 69 -17.37 14.91 -10.22
CA ASP B 69 -16.44 14.09 -11.01
C ASP B 69 -16.17 14.83 -12.32
N VAL B 70 -14.99 14.58 -12.92
CA VAL B 70 -14.62 15.20 -14.18
C VAL B 70 -15.69 14.95 -15.22
N ASP B 71 -16.17 13.71 -15.32
CA ASP B 71 -17.21 13.35 -16.31
C ASP B 71 -18.64 13.90 -15.98
N GLY B 72 -18.75 14.77 -14.98
CA GLY B 72 -20.02 15.44 -14.70
C GLY B 72 -21.10 14.51 -14.15
N SER B 73 -20.78 13.29 -13.77
CA SER B 73 -21.81 12.36 -13.32
C SER B 73 -22.45 12.89 -12.05
N LYS B 74 -23.50 12.22 -11.62
CA LYS B 74 -24.34 12.74 -10.57
C LYS B 74 -23.89 12.28 -9.16
N ALA B 75 -24.21 13.08 -8.15
CA ALA B 75 -23.92 12.71 -6.77
C ALA B 75 -24.62 11.39 -6.39
N LYS B 76 -23.91 10.58 -5.61
CA LYS B 76 -24.31 9.24 -5.19
C LYS B 76 -24.44 9.19 -3.67
N LYS B 77 -25.07 8.13 -3.18
CA LYS B 77 -25.03 7.76 -1.75
C LYS B 77 -23.71 7.07 -1.39
N ASP B 78 -23.29 7.28 -0.15
CA ASP B 78 -22.09 6.66 0.43
C ASP B 78 -22.44 5.27 0.99
N LYS B 79 -22.71 4.32 0.08
CA LYS B 79 -23.23 2.97 0.37
C LYS B 79 -22.31 2.08 1.21
N LEU B 80 -21.00 2.24 1.01
CA LEU B 80 -19.98 1.38 1.65
C LEU B 80 -19.48 1.89 2.99
N ASN B 81 -20.01 3.00 3.49
CA ASN B 81 -19.58 3.46 4.79
C ASN B 81 -19.73 2.39 5.90
N PRO B 82 -18.64 2.06 6.59
CA PRO B 82 -18.77 1.13 7.71
C PRO B 82 -19.80 1.59 8.77
N ASN B 83 -20.01 2.90 8.88
CA ASN B 83 -21.01 3.43 9.78
C ASN B 83 -22.37 3.56 9.13
N PRO B 84 -23.40 2.87 9.64
CA PRO B 84 -24.70 2.90 8.95
C PRO B 84 -25.46 4.27 8.99
N LYS B 85 -25.19 5.09 10.00
CA LYS B 85 -25.75 6.44 10.10
C LYS B 85 -25.34 7.33 8.92
N LEU B 86 -24.36 6.84 8.12
CA LEU B 86 -23.73 7.61 7.06
C LEU B 86 -23.99 7.08 5.68
N ARG B 87 -24.57 5.90 5.55
CA ARG B 87 -24.78 5.33 4.21
C ARG B 87 -25.73 6.08 3.28
N ASN B 88 -26.47 7.07 3.80
CA ASN B 88 -27.39 7.89 2.98
C ASN B 88 -26.88 9.32 2.68
N ARG B 89 -25.70 9.69 3.20
CA ARG B 89 -25.12 10.98 2.84
C ARG B 89 -24.56 10.90 1.40
N SER B 90 -24.42 12.07 0.80
CA SER B 90 -23.88 12.23 -0.52
C SER B 90 -22.35 12.02 -0.55
N ASP B 91 -21.82 11.64 -1.72
CA ASP B 91 -20.39 11.61 -1.93
C ASP B 91 -19.84 12.97 -2.38
N LYS B 92 -20.71 13.94 -2.65
CA LYS B 92 -20.30 15.31 -2.98
C LYS B 92 -20.78 16.26 -1.90
N GLY B 93 -20.08 17.39 -1.70
CA GLY B 93 -20.43 18.38 -0.64
C GLY B 93 -20.09 17.87 0.77
N VAL B 94 -19.36 16.75 0.83
CA VAL B 94 -19.08 16.07 2.08
C VAL B 94 -17.56 15.94 2.29
N VAL B 95 -17.12 16.27 3.48
CA VAL B 95 -15.73 16.27 3.82
C VAL B 95 -15.17 14.86 3.84
N PHE B 96 -14.23 14.59 2.95
CA PHE B 96 -13.59 13.30 2.93
C PHE B 96 -12.20 13.32 3.50
N LEU B 97 -11.63 14.50 3.70
CA LEU B 97 -10.24 14.59 4.11
C LEU B 97 -10.15 15.54 5.25
N SER B 98 -9.48 15.14 6.35
CA SER B 98 -9.50 15.89 7.59
C SER B 98 -8.20 15.94 8.34
N ASP B 99 -8.06 16.98 9.15
CA ASP B 99 -7.00 17.15 10.18
C ASP B 99 -5.59 17.22 9.63
N LEU B 100 -5.44 17.71 8.41
CA LEU B 100 -4.10 17.97 7.87
C LEU B 100 -3.51 19.18 8.53
N ILE B 101 -2.26 19.06 8.97
CA ILE B 101 -1.58 20.13 9.66
C ILE B 101 -0.38 20.62 8.86
N LYS B 102 -0.17 21.93 8.78
CA LYS B 102 0.96 22.49 8.03
C LYS B 102 2.22 22.45 8.89
N VAL B 103 3.28 21.82 8.38
CA VAL B 103 4.48 21.59 9.16
C VAL B 103 5.72 22.28 8.62
N GLY B 104 5.61 22.99 7.52
CA GLY B 104 6.75 23.56 6.80
C GLY B 104 6.17 24.40 5.68
N LYS B 105 6.99 25.12 4.93
CA LYS B 105 6.39 26.17 4.05
C LYS B 105 5.35 25.63 3.02
N ARG B 106 5.62 24.47 2.43
CA ARG B 106 4.70 23.84 1.49
C ARG B 106 4.43 22.38 1.85
N SER B 107 4.33 22.10 3.13
CA SER B 107 4.36 20.72 3.56
C SER B 107 3.39 20.42 4.73
N TYR B 108 2.55 19.38 4.58
CA TYR B 108 1.46 19.11 5.50
C TYR B 108 1.40 17.62 5.89
N LYS B 109 0.94 17.34 7.11
CA LYS B 109 0.88 15.94 7.59
C LYS B 109 -0.29 15.73 8.51
N GLY B 110 -0.52 14.48 8.86
CA GLY B 110 -1.42 14.09 9.94
C GLY B 110 -2.85 13.97 9.51
N GLY B 111 -3.06 13.88 8.20
CA GLY B 111 -4.39 13.93 7.61
C GLY B 111 -4.94 12.54 7.45
N LYS B 112 -6.26 12.42 7.35
CA LYS B 112 -6.92 11.14 7.11
C LYS B 112 -8.02 11.36 6.06
N ALA B 113 -8.15 10.43 5.13
CA ALA B 113 -9.04 10.58 3.99
C ALA B 113 -9.97 9.39 3.87
N TYR B 114 -11.27 9.61 4.03
CA TYR B 114 -12.24 8.54 3.82
C TYR B 114 -12.36 8.35 2.31
N ASN B 115 -12.54 7.12 1.81
CA ASN B 115 -12.71 6.84 0.36
C ASN B 115 -14.06 6.22 -0.01
N PHE B 116 -14.86 7.00 -0.71
CA PHE B 116 -16.21 6.61 -1.07
C PHE B 116 -16.31 5.32 -1.89
N TYR B 117 -15.30 5.02 -2.72
CA TYR B 117 -15.33 3.81 -3.58
C TYR B 117 -14.98 2.53 -2.81
N ASP B 118 -14.42 2.71 -1.62
CA ASP B 118 -13.74 1.66 -0.85
C ASP B 118 -14.51 1.39 0.43
N GLY B 119 -14.91 2.46 1.10
CA GLY B 119 -15.32 2.40 2.51
C GLY B 119 -14.18 2.60 3.53
N LYS B 120 -12.97 2.83 3.03
CA LYS B 120 -11.77 2.85 3.86
C LYS B 120 -11.23 4.24 4.10
N THR B 121 -10.52 4.35 5.22
CA THR B 121 -9.89 5.57 5.64
C THR B 121 -8.38 5.37 5.53
N TYR B 122 -7.73 6.29 4.83
CA TYR B 122 -6.31 6.23 4.59
C TYR B 122 -5.60 7.36 5.32
N TYR B 123 -4.37 7.13 5.74
CA TYR B 123 -3.56 8.19 6.28
C TYR B 123 -3.07 9.03 5.11
N VAL B 124 -2.96 10.35 5.32
CA VAL B 124 -2.63 11.28 4.24
C VAL B 124 -1.53 12.28 4.63
N ARG B 125 -0.55 12.42 3.75
CA ARG B 125 0.31 13.59 3.80
C ARG B 125 0.51 14.16 2.40
N VAL B 126 0.80 15.44 2.37
CA VAL B 126 0.80 16.24 1.17
C VAL B 126 2.00 17.15 1.20
N ALA B 127 2.72 17.17 0.09
CA ALA B 127 3.76 18.14 -0.20
C ALA B 127 3.25 19.00 -1.36
N GLN B 128 3.25 20.31 -1.16
CA GLN B 128 2.77 21.20 -2.19
C GLN B 128 3.94 21.77 -3.00
N ASN B 129 3.93 21.55 -4.31
CA ASN B 129 4.90 22.14 -5.23
C ASN B 129 4.76 23.65 -5.35
N SER B 130 5.81 24.28 -5.88
CA SER B 130 5.88 25.73 -5.91
C SER B 130 4.90 26.39 -6.86
N ASN B 131 4.39 25.62 -7.81
CA ASN B 131 3.35 26.08 -8.72
C ASN B 131 1.92 25.78 -8.24
N GLY B 132 1.76 25.22 -7.05
CA GLY B 132 0.44 24.91 -6.51
C GLY B 132 0.01 23.43 -6.58
N ASP B 133 0.64 22.59 -7.39
CA ASP B 133 0.21 21.21 -7.51
C ASP B 133 0.58 20.42 -6.25
N LEU B 134 -0.15 19.35 -5.97
CA LEU B 134 0.10 18.56 -4.79
C LEU B 134 0.70 17.25 -5.20
N GLU B 135 1.75 16.84 -4.47
CA GLU B 135 2.08 15.41 -4.33
C GLU B 135 1.35 14.88 -3.10
N PHE B 136 0.36 14.04 -3.34
CA PHE B 136 -0.59 13.63 -2.34
C PHE B 136 -0.33 12.16 -2.03
N THR B 137 0.12 11.88 -0.81
CA THR B 137 0.53 10.52 -0.47
C THR B 137 -0.56 9.92 0.42
N SER B 138 -1.14 8.83 -0.06
CA SER B 138 -2.15 8.08 0.62
C SER B 138 -1.58 6.75 1.13
N SER B 139 -1.86 6.37 2.37
CA SER B 139 -1.22 5.19 2.99
C SER B 139 -2.04 4.43 4.02
N TYR B 140 -1.75 3.14 4.15
CA TYR B 140 -2.26 2.31 5.26
C TYR B 140 -1.60 2.61 6.60
N ASP B 141 -0.32 3.03 6.60
CA ASP B 141 0.44 3.39 7.82
C ASP B 141 0.51 4.89 8.07
N LYS B 142 0.57 5.27 9.34
CA LYS B 142 0.62 6.67 9.74
C LYS B 142 1.69 7.48 9.01
N TRP B 143 2.83 6.85 8.71
CA TRP B 143 4.04 7.56 8.24
C TRP B 143 4.13 7.70 6.73
N GLY B 144 3.35 6.94 5.97
CA GLY B 144 3.28 7.08 4.52
C GLY B 144 4.15 6.16 3.69
N TYR B 145 4.80 5.19 4.33
CA TYR B 145 5.71 4.30 3.60
C TYR B 145 4.92 3.14 2.97
N MSE B 146 3.72 2.90 3.47
CA MSE B 146 2.86 1.88 2.85
C MSE B 146 1.78 2.65 2.12
O MSE B 146 0.63 2.78 2.55
CB MSE B 146 2.36 0.89 3.90
CG MSE B 146 3.49 -0.08 4.27
SE MSE B 146 3.32 -0.72 6.15
CE MSE B 146 2.53 -2.50 5.77
N GLY B 147 2.18 3.20 0.98
CA GLY B 147 1.31 4.12 0.30
C GLY B 147 1.74 4.33 -1.12
N LYS B 148 1.04 5.28 -1.75
CA LYS B 148 1.24 5.64 -3.12
C LYS B 148 1.12 7.14 -3.20
N THR B 149 1.90 7.75 -4.07
CA THR B 149 1.81 9.18 -4.25
C THR B 149 1.20 9.50 -5.59
N PHE B 150 0.27 10.45 -5.58
CA PHE B 150 -0.46 10.90 -6.75
C PHE B 150 -0.19 12.39 -6.89
N THR B 151 -0.40 12.89 -8.10
CA THR B 151 -0.25 14.28 -8.41
C THR B 151 -1.64 14.88 -8.66
N TRP B 152 -2.03 15.86 -7.84
CA TRP B 152 -3.34 16.50 -7.96
C TRP B 152 -3.07 17.87 -8.47
N LYS B 153 -3.60 18.19 -9.63
CA LYS B 153 -3.26 19.41 -10.31
C LYS B 153 -4.13 20.50 -9.74
N ARG B 154 -3.52 21.65 -9.45
CA ARG B 154 -4.21 22.84 -9.02
C ARG B 154 -4.81 23.55 -10.22
N LEU B 155 -6.09 23.94 -10.13
CA LEU B 155 -6.71 24.71 -11.19
C LEU B 155 -6.47 26.23 -11.03
N SER B 156 -6.18 26.89 -12.14
CA SER B 156 -6.19 28.34 -12.20
C SER B 156 -7.63 28.79 -12.43
N ASP B 157 -7.89 30.05 -12.14
CA ASP B 157 -9.23 30.65 -12.33
C ASP B 157 -9.75 30.51 -13.76
N GLU B 158 -8.88 30.66 -14.72
CA GLU B 158 -9.25 30.53 -16.10
C GLU B 158 -9.75 29.10 -16.39
N GLU B 159 -9.01 28.08 -15.94
CA GLU B 159 -9.49 26.68 -16.02
C GLU B 159 -10.79 26.50 -15.28
N ILE B 160 -10.89 27.07 -14.08
CA ILE B 160 -12.11 26.93 -13.29
C ILE B 160 -13.29 27.48 -14.07
N LYS B 161 -13.11 28.65 -14.68
CA LYS B 161 -14.13 29.28 -15.56
C LYS B 161 -14.55 28.48 -16.82
N ASN B 162 -13.57 28.06 -17.64
CA ASN B 162 -13.83 27.17 -18.78
C ASN B 162 -14.57 25.88 -18.45
N LEU B 163 -14.29 25.37 -17.26
CA LEU B 163 -14.79 24.09 -16.79
C LEU B 163 -16.13 24.29 -16.09
N LYS B 164 -16.42 25.55 -15.73
CA LYS B 164 -17.74 25.96 -15.22
C LYS B 164 -18.01 25.43 -13.83
N LEU B 165 -16.94 25.24 -13.04
CA LEU B 165 -17.08 24.72 -11.71
C LEU B 165 -17.64 25.73 -10.75
N LYS B 166 -18.65 25.29 -10.04
CA LYS B 166 -19.24 26.05 -8.98
C LYS B 166 -19.01 25.31 -7.63
N ARG B 167 -18.39 26.01 -6.70
CA ARG B 167 -18.09 25.46 -5.40
C ARG B 167 -19.40 25.33 -4.58
N PHE B 168 -19.35 24.51 -3.53
CA PHE B 168 -20.44 24.32 -2.58
C PHE B 168 -20.29 25.36 -1.52
N ASN B 169 -21.34 25.61 -0.75
CA ASN B 169 -21.35 26.49 0.42
C ASN B 169 -20.60 25.87 1.60
N LEU B 170 -19.57 26.56 2.08
CA LEU B 170 -18.79 26.08 3.21
C LEU B 170 -19.55 25.95 4.50
N ASP B 171 -20.58 26.73 4.72
CA ASP B 171 -21.32 26.56 6.00
C ASP B 171 -22.07 25.22 5.99
N GLU B 172 -22.54 24.75 4.84
CA GLU B 172 -23.20 23.43 4.76
C GLU B 172 -22.21 22.31 4.77
N VAL B 173 -21.06 22.52 4.13
CA VAL B 173 -20.01 21.52 4.12
C VAL B 173 -19.46 21.26 5.52
N LEU B 174 -19.17 22.33 6.26
CA LEU B 174 -18.69 22.24 7.66
C LEU B 174 -19.58 21.44 8.62
N LYS B 175 -20.89 21.38 8.38
CA LYS B 175 -21.80 20.57 9.21
C LYS B 175 -21.39 19.10 9.12
N THR B 176 -20.54 18.83 8.15
CA THR B 176 -20.19 17.49 7.73
C THR B 176 -18.91 16.95 8.37
N ILE B 177 -18.17 17.80 9.05
CA ILE B 177 -16.98 17.33 9.76
C ILE B 177 -17.40 16.45 10.94
N LYS B 178 -17.91 15.26 10.62
CA LYS B 178 -18.63 14.39 11.56
C LYS B 178 -17.84 14.16 12.85
O22 P33 C . 5.30 -8.67 3.47
C21 P33 C . 5.88 -7.44 2.98
C20 P33 C . 5.20 -6.21 3.59
O19 P33 C . 5.04 -5.17 2.58
C18 P33 C . 3.70 -4.58 2.53
C17 P33 C . 3.60 -3.40 1.54
O16 P33 C . 2.34 -2.71 1.71
C15 P33 C . 1.76 -2.15 0.50
C14 P33 C . 1.31 -0.68 0.61
O13 P33 C . 0.64 -0.25 -0.62
C12 P33 C . -0.03 1.06 -0.54
C11 P33 C . -1.36 1.18 -1.34
O10 P33 C . -2.24 2.28 -0.88
C9 P33 C . -2.78 3.13 -1.93
C8 P33 C . -4.14 3.72 -1.51
O7 P33 C . -4.92 4.18 -2.65
C6 P33 C . -6.27 4.64 -2.31
C5 P33 C . -6.36 6.18 -2.35
O4 P33 C . -7.50 6.64 -1.58
C3 P33 C . -7.60 8.05 -1.38
C2 P33 C . -9.05 8.50 -1.54
O1 P33 C . -9.19 9.65 -0.70
#